data_2NNJ
#
_entry.id   2NNJ
#
_cell.length_a   74.410
_cell.length_b   139.220
_cell.length_c   163.230
_cell.angle_alpha   90.00
_cell.angle_beta   90.00
_cell.angle_gamma   90.00
#
_symmetry.space_group_name_H-M   'I 2 2 2'
#
loop_
_entity.id
_entity.type
_entity.pdbx_description
1 polymer 'Cytochrome P450 2C8'
2 non-polymer 'SULFATE ION'
3 non-polymer 'PROTOPORPHYRIN IX CONTAINING FE'
4 non-polymer FELODIPINE
5 non-polymer 'PALMITIC ACID'
6 water water
#
_entity_poly.entity_id   1
_entity_poly.type   'polypeptide(L)'
_entity_poly.pdbx_seq_one_letter_code
;MAKKTSSKGKLPPGPTPLPIIGNMLQIDVKDICKSFTNFSKVYGPVFTVYFGMNPIVVFHGYEAVKEALIDNGEEFSGRG
NSPISQRITKGLGIISSNGKRWKEIRRFSLTTLRNFGMGKRSIEDRVQEEAHCLVEELRKTKASPCDPTFILGCAPCNVI
CSVVFQKRFDYKDQNFLTLMKRFNENFRILNSPWIQVCNNFPLLIDCFPGTHNKVLKNVALTRSYIREKVKEHQASLDVN
NPRDFIDCFLIKMEQEKDNQKSEFNIENLVGTVADLFVAGTETTSTTLRYGLLLLLKHPEVTAKVQEEIDHVIGRHRSPC
MQDRSHMPYTDAVVHEIQRYSDLVPTGVPHAVTTDTKFRNYLIPKGTTIMALLTSVLHDDKEFPNPNIFDPGHFLDKNGN
FKKSDYFMPFSAGKRICAGEGLARMELFLFLTTILQNFNLKSVDDLKNLNTTAVTKGIVSLPPSYQICFIPVHHHH
;
_entity_poly.pdbx_strand_id   A
#
# COMPACT_ATOMS: atom_id res chain seq x y z
N LYS A 10 -32.52 -8.22 -2.93
CA LYS A 10 -32.52 -8.12 -1.45
C LYS A 10 -31.16 -7.75 -0.85
N LEU A 11 -30.81 -6.47 -0.98
CA LEU A 11 -29.56 -5.93 -0.45
C LEU A 11 -29.62 -5.89 1.07
N PRO A 12 -28.47 -5.99 1.76
CA PRO A 12 -28.45 -5.96 3.22
C PRO A 12 -29.06 -4.65 3.75
N PRO A 13 -29.69 -4.68 4.95
CA PRO A 13 -30.30 -3.46 5.50
C PRO A 13 -29.27 -2.38 5.76
N GLY A 14 -29.74 -1.16 6.03
CA GLY A 14 -28.85 -0.05 6.30
C GLY A 14 -29.64 1.20 6.62
N PRO A 15 -28.97 2.35 6.83
CA PRO A 15 -29.70 3.58 7.16
C PRO A 15 -30.50 4.00 5.93
N THR A 16 -31.69 4.54 6.18
CA THR A 16 -32.57 4.99 5.11
C THR A 16 -31.89 6.13 4.35
N PRO A 17 -31.72 5.97 3.02
CA PRO A 17 -31.07 7.03 2.24
C PRO A 17 -32.02 8.16 1.84
N LEU A 18 -31.46 9.36 1.70
CA LEU A 18 -32.23 10.50 1.24
C LEU A 18 -32.18 10.41 -0.29
N PRO A 19 -33.25 10.82 -0.98
CA PRO A 19 -33.41 10.79 -2.45
C PRO A 19 -32.24 10.99 -3.42
N ILE A 20 -31.42 12.01 -3.23
CA ILE A 20 -30.33 12.27 -4.17
C ILE A 20 -28.93 12.01 -3.63
N ILE A 21 -28.68 12.46 -2.40
CA ILE A 21 -27.39 12.31 -1.78
C ILE A 21 -27.19 11.04 -0.93
N GLY A 22 -28.18 10.16 -0.92
CA GLY A 22 -28.10 8.93 -0.15
C GLY A 22 -27.87 9.18 1.33
N ASN A 23 -26.90 8.46 1.92
CA ASN A 23 -26.59 8.63 3.34
C ASN A 23 -25.40 9.56 3.57
N MET A 24 -24.99 10.29 2.53
CA MET A 24 -23.85 11.21 2.61
C MET A 24 -23.78 12.15 3.80
N LEU A 25 -24.93 12.70 4.21
CA LEU A 25 -24.98 13.63 5.34
C LEU A 25 -24.86 12.92 6.68
N GLN A 26 -25.03 11.61 6.67
CA GLN A 26 -24.94 10.79 7.87
C GLN A 26 -23.52 10.30 8.14
N ILE A 27 -22.66 10.39 7.14
CA ILE A 27 -21.28 9.91 7.28
C ILE A 27 -20.24 11.04 7.29
N ASP A 28 -19.19 10.86 8.10
CA ASP A 28 -18.12 11.83 8.18
C ASP A 28 -17.11 11.48 7.08
N VAL A 29 -16.99 12.33 6.07
CA VAL A 29 -16.06 12.10 4.97
C VAL A 29 -14.58 12.10 5.40
N LYS A 30 -14.31 12.62 6.59
CA LYS A 30 -12.95 12.69 7.11
C LYS A 30 -12.54 11.42 7.85
N ASP A 31 -13.53 10.64 8.26
CA ASP A 31 -13.29 9.39 8.99
C ASP A 31 -14.48 8.46 8.74
N ILE A 32 -14.58 8.00 7.49
CA ILE A 32 -15.67 7.14 7.07
C ILE A 32 -15.73 5.83 7.84
N CYS A 33 -14.58 5.30 8.22
CA CYS A 33 -14.52 4.06 8.97
C CYS A 33 -15.19 4.20 10.33
N LYS A 34 -15.08 5.38 10.92
CA LYS A 34 -15.71 5.65 12.20
C LYS A 34 -17.24 5.59 12.00
N SER A 35 -17.72 6.15 10.89
CA SER A 35 -19.15 6.15 10.60
C SER A 35 -19.62 4.73 10.34
N PHE A 36 -18.82 3.96 9.59
CA PHE A 36 -19.16 2.58 9.28
C PHE A 36 -19.19 1.71 10.53
N THR A 37 -18.24 1.93 11.44
CA THR A 37 -18.17 1.19 12.70
C THR A 37 -19.40 1.51 13.54
N ASN A 38 -19.84 2.76 13.52
CA ASN A 38 -21.03 3.13 14.28
C ASN A 38 -22.26 2.46 13.69
N PHE A 39 -22.28 2.32 12.36
CA PHE A 39 -23.40 1.69 11.67
C PHE A 39 -23.46 0.19 11.97
N SER A 40 -22.29 -0.45 12.15
CA SER A 40 -22.27 -1.88 12.45
C SER A 40 -22.87 -2.16 13.82
N LYS A 41 -22.85 -1.16 14.70
CA LYS A 41 -23.43 -1.31 16.03
C LYS A 41 -24.97 -1.27 15.97
N VAL A 42 -25.51 -0.80 14.86
CA VAL A 42 -26.96 -0.74 14.68
C VAL A 42 -27.48 -1.81 13.72
N TYR A 43 -26.81 -1.98 12.59
CA TYR A 43 -27.24 -2.92 11.57
C TYR A 43 -26.55 -4.27 11.47
N GLY A 44 -25.47 -4.46 12.22
CA GLY A 44 -24.78 -5.72 12.15
C GLY A 44 -23.50 -5.72 11.33
N PRO A 45 -22.92 -6.91 11.04
CA PRO A 45 -21.69 -7.08 10.27
C PRO A 45 -21.72 -6.74 8.78
N VAL A 46 -22.91 -6.79 8.17
CA VAL A 46 -23.06 -6.52 6.75
C VAL A 46 -24.21 -5.55 6.54
N PHE A 47 -23.91 -4.40 5.94
CA PHE A 47 -24.93 -3.39 5.72
C PHE A 47 -24.71 -2.59 4.44
N THR A 48 -25.77 -1.94 3.98
CA THR A 48 -25.72 -1.14 2.76
C THR A 48 -25.84 0.36 3.09
N VAL A 49 -25.00 1.16 2.45
CA VAL A 49 -25.02 2.62 2.59
C VAL A 49 -25.00 3.16 1.16
N TYR A 50 -25.57 4.34 0.96
CA TYR A 50 -25.61 4.95 -0.37
C TYR A 50 -24.80 6.23 -0.40
N PHE A 51 -23.90 6.32 -1.38
CA PHE A 51 -23.10 7.53 -1.57
C PHE A 51 -23.72 8.07 -2.84
N GLY A 52 -24.63 9.04 -2.67
CA GLY A 52 -25.35 9.57 -3.81
C GLY A 52 -26.30 8.44 -4.17
N MET A 53 -26.36 8.10 -5.47
CA MET A 53 -27.22 7.01 -5.92
C MET A 53 -26.53 5.64 -5.89
N ASN A 54 -25.23 5.63 -5.54
CA ASN A 54 -24.46 4.40 -5.52
C ASN A 54 -24.51 3.56 -4.26
N PRO A 55 -25.03 2.33 -4.35
CA PRO A 55 -25.08 1.49 -3.16
C PRO A 55 -23.69 0.89 -2.89
N ILE A 56 -23.37 0.69 -1.61
CA ILE A 56 -22.11 0.10 -1.20
C ILE A 56 -22.43 -0.84 -0.05
N VAL A 57 -22.08 -2.11 -0.20
CA VAL A 57 -22.32 -3.04 0.89
C VAL A 57 -21.01 -3.12 1.65
N VAL A 58 -21.09 -2.85 2.94
CA VAL A 58 -19.95 -2.83 3.85
C VAL A 58 -19.89 -4.10 4.70
N PHE A 59 -18.68 -4.64 4.80
CA PHE A 59 -18.42 -5.83 5.58
C PHE A 59 -17.52 -5.43 6.75
N HIS A 60 -18.05 -5.58 7.94
CA HIS A 60 -17.36 -5.24 9.19
C HIS A 60 -17.13 -6.48 10.04
N GLY A 61 -15.88 -6.67 10.49
CA GLY A 61 -15.56 -7.81 11.32
C GLY A 61 -14.95 -8.95 10.54
N TYR A 62 -14.08 -9.70 11.20
CA TYR A 62 -13.37 -10.83 10.60
C TYR A 62 -14.25 -11.84 9.90
N GLU A 63 -15.30 -12.33 10.58
CA GLU A 63 -16.19 -13.32 9.98
C GLU A 63 -16.79 -12.86 8.65
N ALA A 64 -17.28 -11.62 8.61
CA ALA A 64 -17.87 -11.08 7.39
C ALA A 64 -16.82 -10.83 6.30
N VAL A 65 -15.68 -10.27 6.69
CA VAL A 65 -14.62 -9.99 5.73
C VAL A 65 -14.04 -11.28 5.12
N LYS A 66 -13.81 -12.27 5.97
CA LYS A 66 -13.28 -13.57 5.53
C LYS A 66 -14.26 -14.27 4.59
N GLU A 67 -15.52 -14.35 5.00
CA GLU A 67 -16.53 -15.03 4.17
C GLU A 67 -16.63 -14.39 2.79
N ALA A 68 -16.48 -13.07 2.72
CA ALA A 68 -16.58 -12.39 1.45
C ALA A 68 -15.31 -12.54 0.61
N LEU A 69 -14.21 -11.94 1.06
CA LEU A 69 -12.95 -11.98 0.34
C LEU A 69 -12.30 -13.35 0.13
N ILE A 70 -12.49 -14.28 1.06
CA ILE A 70 -11.86 -15.59 0.92
C ILE A 70 -12.79 -16.73 0.50
N ASP A 71 -13.85 -16.96 1.29
CA ASP A 71 -14.80 -18.04 1.01
C ASP A 71 -15.65 -17.84 -0.24
N ASN A 72 -15.71 -16.60 -0.72
CA ASN A 72 -16.47 -16.26 -1.92
C ASN A 72 -15.55 -15.38 -2.77
N GLY A 73 -14.26 -15.70 -2.69
CA GLY A 73 -13.22 -14.96 -3.38
C GLY A 73 -13.41 -14.59 -4.83
N GLU A 74 -13.89 -15.53 -5.65
CA GLU A 74 -14.08 -15.26 -7.07
C GLU A 74 -15.12 -14.16 -7.28
N GLU A 75 -16.27 -14.29 -6.62
CA GLU A 75 -17.33 -13.30 -6.74
C GLU A 75 -16.90 -11.93 -6.22
N PHE A 76 -16.06 -11.91 -5.20
CA PHE A 76 -15.62 -10.65 -4.63
C PHE A 76 -14.28 -10.16 -5.13
N SER A 77 -13.83 -10.69 -6.27
CA SER A 77 -12.53 -10.29 -6.82
C SER A 77 -12.55 -9.08 -7.75
N GLY A 78 -13.73 -8.49 -7.96
CA GLY A 78 -13.80 -7.34 -8.84
C GLY A 78 -13.29 -6.07 -8.17
N ARG A 79 -12.79 -5.15 -8.98
CA ARG A 79 -12.30 -3.87 -8.47
C ARG A 79 -13.44 -2.87 -8.58
N GLY A 80 -13.77 -2.22 -7.46
CA GLY A 80 -14.82 -1.22 -7.47
C GLY A 80 -14.23 -0.02 -8.16
N ASN A 81 -14.76 0.33 -9.33
CA ASN A 81 -14.24 1.48 -10.05
C ASN A 81 -15.05 2.75 -9.88
N SER A 82 -14.44 3.86 -10.28
CA SER A 82 -15.04 5.17 -10.15
C SER A 82 -14.74 6.00 -11.40
N PRO A 83 -15.49 7.10 -11.63
CA PRO A 83 -15.26 7.96 -12.80
C PRO A 83 -13.82 8.46 -12.88
N ILE A 84 -13.28 8.89 -11.75
CA ILE A 84 -11.92 9.40 -11.67
C ILE A 84 -10.87 8.31 -11.99
N SER A 85 -11.09 7.09 -11.50
CA SER A 85 -10.17 5.99 -11.78
C SER A 85 -10.13 5.67 -13.27
N GLN A 86 -11.30 5.57 -13.91
CA GLN A 86 -11.39 5.28 -15.33
C GLN A 86 -10.78 6.39 -16.19
N ARG A 87 -10.76 7.62 -15.66
CA ARG A 87 -10.21 8.75 -16.38
C ARG A 87 -8.69 8.83 -16.29
N ILE A 88 -8.14 8.40 -15.16
CA ILE A 88 -6.69 8.40 -14.95
C ILE A 88 -6.01 7.19 -15.60
N THR A 89 -6.58 6.00 -15.38
CA THR A 89 -6.01 4.75 -15.90
C THR A 89 -6.54 4.28 -17.25
N LYS A 90 -7.80 4.61 -17.54
CA LYS A 90 -8.49 4.21 -18.77
C LYS A 90 -8.77 2.72 -18.75
N GLY A 91 -8.70 2.12 -17.56
CA GLY A 91 -8.95 0.69 -17.38
C GLY A 91 -7.74 -0.17 -17.68
N LEU A 92 -6.59 0.49 -17.89
CA LEU A 92 -5.34 -0.20 -18.19
C LEU A 92 -4.59 -0.56 -16.91
N GLY A 93 -3.66 -1.50 -17.02
CA GLY A 93 -2.86 -1.89 -15.88
C GLY A 93 -3.41 -3.01 -15.03
N ILE A 94 -3.13 -2.91 -13.73
CA ILE A 94 -3.53 -3.93 -12.77
C ILE A 94 -4.50 -3.44 -11.69
N ILE A 95 -4.25 -2.26 -11.12
CA ILE A 95 -5.12 -1.74 -10.05
C ILE A 95 -6.59 -1.54 -10.45
N SER A 96 -6.81 -0.88 -11.59
CA SER A 96 -8.17 -0.57 -12.05
C SER A 96 -8.77 -1.46 -13.11
N SER A 97 -8.10 -2.55 -13.47
CA SER A 97 -8.62 -3.44 -14.49
C SER A 97 -9.45 -4.56 -13.87
N ASN A 98 -10.26 -5.20 -14.71
CA ASN A 98 -11.12 -6.30 -14.28
C ASN A 98 -11.14 -7.37 -15.36
N GLY A 99 -11.89 -8.44 -15.10
CA GLY A 99 -12.01 -9.52 -16.05
C GLY A 99 -10.71 -10.14 -16.52
N LYS A 100 -10.72 -10.60 -17.76
CA LYS A 100 -9.58 -11.24 -18.40
C LYS A 100 -8.29 -10.42 -18.38
N ARG A 101 -8.40 -9.10 -18.56
CA ARG A 101 -7.23 -8.24 -18.56
C ARG A 101 -6.57 -8.25 -17.19
N TRP A 102 -7.37 -8.18 -16.13
CA TRP A 102 -6.84 -8.19 -14.78
C TRP A 102 -6.10 -9.50 -14.52
N LYS A 103 -6.78 -10.62 -14.75
CA LYS A 103 -6.20 -11.93 -14.50
C LYS A 103 -4.85 -12.15 -15.18
N GLU A 104 -4.74 -11.76 -16.45
CA GLU A 104 -3.50 -11.94 -17.18
C GLU A 104 -2.37 -11.03 -16.73
N ILE A 105 -2.65 -9.73 -16.58
CA ILE A 105 -1.63 -8.77 -16.16
C ILE A 105 -1.15 -9.08 -14.74
N ARG A 106 -2.07 -9.47 -13.85
CA ARG A 106 -1.70 -9.77 -12.48
C ARG A 106 -0.87 -11.05 -12.38
N ARG A 107 -1.30 -12.10 -13.10
CA ARG A 107 -0.61 -13.39 -13.10
C ARG A 107 0.84 -13.18 -13.54
N PHE A 108 1.02 -12.38 -14.59
CA PHE A 108 2.35 -12.07 -15.09
C PHE A 108 3.11 -11.25 -14.05
N SER A 109 2.47 -10.20 -13.54
CA SER A 109 3.07 -9.30 -12.56
C SER A 109 3.58 -10.03 -11.33
N LEU A 110 2.77 -10.97 -10.82
CA LEU A 110 3.13 -11.74 -9.65
C LEU A 110 4.37 -12.62 -9.88
N THR A 111 4.43 -13.29 -11.02
CA THR A 111 5.56 -14.16 -11.31
C THR A 111 6.85 -13.38 -11.53
N THR A 112 6.79 -12.22 -12.17
CA THR A 112 8.00 -11.44 -12.39
C THR A 112 8.44 -10.66 -11.15
N LEU A 113 7.54 -10.49 -10.18
CA LEU A 113 7.87 -9.79 -8.94
C LEU A 113 8.37 -10.76 -7.89
N ARG A 114 8.61 -12.01 -8.28
CA ARG A 114 9.15 -13.01 -7.36
C ARG A 114 10.60 -12.58 -7.14
N ASN A 115 11.18 -12.99 -6.03
CA ASN A 115 12.55 -12.61 -5.68
C ASN A 115 13.54 -12.72 -6.84
N PHE A 116 13.46 -13.81 -7.60
CA PHE A 116 14.34 -14.03 -8.75
C PHE A 116 13.52 -14.12 -10.04
N GLY A 117 12.41 -13.38 -10.08
CA GLY A 117 11.54 -13.41 -11.25
C GLY A 117 11.89 -12.49 -12.39
N MET A 118 13.03 -11.81 -12.31
CA MET A 118 13.42 -10.90 -13.38
C MET A 118 14.91 -10.89 -13.67
N GLY A 119 15.51 -12.08 -13.73
CA GLY A 119 16.93 -12.18 -14.04
C GLY A 119 17.83 -12.65 -12.91
N LYS A 120 19.13 -12.46 -13.14
CA LYS A 120 20.18 -12.85 -12.19
C LYS A 120 20.20 -12.05 -10.90
N ARG A 121 19.86 -10.75 -10.99
CA ARG A 121 19.83 -9.90 -9.81
C ARG A 121 18.49 -10.01 -9.11
N SER A 122 18.50 -10.46 -7.86
CA SER A 122 17.27 -10.62 -7.08
C SER A 122 16.70 -9.26 -6.68
N ILE A 123 15.43 -9.26 -6.29
CA ILE A 123 14.78 -8.03 -5.86
C ILE A 123 15.39 -7.65 -4.50
N GLU A 124 15.67 -8.65 -3.67
CA GLU A 124 16.28 -8.44 -2.35
C GLU A 124 17.59 -7.65 -2.46
N ASP A 125 18.41 -7.97 -3.45
CA ASP A 125 19.68 -7.26 -3.62
C ASP A 125 19.44 -5.79 -3.94
N ARG A 126 18.38 -5.50 -4.69
CA ARG A 126 18.03 -4.12 -5.03
C ARG A 126 17.59 -3.36 -3.76
N VAL A 127 16.82 -4.02 -2.91
CA VAL A 127 16.34 -3.40 -1.67
C VAL A 127 17.51 -3.18 -0.69
N GLN A 128 18.46 -4.11 -0.67
CA GLN A 128 19.63 -4.00 0.21
C GLN A 128 20.50 -2.83 -0.23
N GLU A 129 20.70 -2.66 -1.54
CA GLU A 129 21.50 -1.54 -2.03
C GLU A 129 20.81 -0.24 -1.61
N GLU A 130 19.49 -0.23 -1.71
CA GLU A 130 18.73 0.96 -1.37
C GLU A 130 18.78 1.25 0.13
N ALA A 131 18.70 0.19 0.95
CA ALA A 131 18.77 0.35 2.39
C ALA A 131 20.10 0.99 2.76
N HIS A 132 21.14 0.65 2.00
CA HIS A 132 22.49 1.18 2.22
C HIS A 132 22.56 2.65 1.87
N CYS A 133 22.00 3.02 0.72
CA CYS A 133 21.99 4.42 0.29
C CYS A 133 21.17 5.27 1.26
N LEU A 134 20.12 4.66 1.83
CA LEU A 134 19.25 5.35 2.77
C LEU A 134 20.00 5.71 4.05
N VAL A 135 20.70 4.75 4.65
CA VAL A 135 21.46 5.03 5.87
C VAL A 135 22.53 6.09 5.62
N GLU A 136 23.04 6.15 4.39
CA GLU A 136 24.05 7.15 4.05
C GLU A 136 23.47 8.56 3.96
N GLU A 137 22.22 8.67 3.51
CA GLU A 137 21.57 9.98 3.44
C GLU A 137 21.27 10.45 4.86
N LEU A 138 20.86 9.51 5.72
CA LEU A 138 20.56 9.82 7.10
C LEU A 138 21.80 10.28 7.86
N ARG A 139 22.97 9.77 7.48
CA ARG A 139 24.22 10.16 8.12
C ARG A 139 24.54 11.61 7.80
N LYS A 140 24.07 12.07 6.64
CA LYS A 140 24.29 13.45 6.20
C LYS A 140 23.46 14.46 7.00
N THR A 141 22.51 13.98 7.80
CA THR A 141 21.69 14.89 8.63
C THR A 141 22.51 15.31 9.85
N LYS A 142 23.65 14.64 10.04
CA LYS A 142 24.59 14.92 11.13
C LYS A 142 23.96 14.88 12.51
N ALA A 143 23.03 13.95 12.70
CA ALA A 143 22.33 13.76 13.97
C ALA A 143 21.50 14.95 14.43
N SER A 144 21.24 15.89 13.53
CA SER A 144 20.44 17.07 13.87
C SER A 144 18.96 16.76 13.60
N PRO A 145 18.04 17.46 14.31
CA PRO A 145 16.61 17.21 14.09
C PRO A 145 16.15 17.43 12.65
N CYS A 146 15.35 16.48 12.15
CA CYS A 146 14.83 16.59 10.79
C CYS A 146 13.47 15.92 10.66
N ASP A 147 12.76 16.29 9.59
CA ASP A 147 11.48 15.70 9.28
C ASP A 147 11.91 14.60 8.30
N PRO A 148 11.80 13.32 8.70
CA PRO A 148 12.21 12.22 7.82
C PRO A 148 11.29 11.89 6.64
N THR A 149 10.17 12.61 6.52
CA THR A 149 9.19 12.37 5.46
C THR A 149 9.81 12.20 4.08
N PHE A 150 10.60 13.19 3.65
CA PHE A 150 11.22 13.18 2.34
C PHE A 150 12.24 12.06 2.11
N ILE A 151 13.19 11.91 3.02
CA ILE A 151 14.23 10.89 2.89
C ILE A 151 13.62 9.48 2.89
N LEU A 152 12.59 9.29 3.70
CA LEU A 152 11.89 8.01 3.83
C LEU A 152 10.99 7.73 2.64
N GLY A 153 10.70 8.75 1.85
CA GLY A 153 9.86 8.56 0.68
C GLY A 153 10.70 8.23 -0.54
N CYS A 154 11.96 8.68 -0.51
CA CYS A 154 12.89 8.46 -1.60
C CYS A 154 13.26 7.00 -1.78
N ALA A 155 13.42 6.28 -0.67
CA ALA A 155 13.81 4.88 -0.70
C ALA A 155 12.80 3.94 -1.38
N PRO A 156 11.53 3.88 -0.92
CA PRO A 156 10.57 2.97 -1.56
C PRO A 156 10.34 3.30 -3.04
N CYS A 157 10.40 4.59 -3.36
CA CYS A 157 10.21 5.04 -4.73
C CYS A 157 11.37 4.53 -5.59
N ASN A 158 12.58 4.62 -5.05
CA ASN A 158 13.77 4.16 -5.76
C ASN A 158 13.77 2.65 -5.90
N VAL A 159 13.15 1.96 -4.95
CA VAL A 159 13.06 0.50 -5.01
C VAL A 159 12.24 0.15 -6.25
N ILE A 160 11.09 0.79 -6.41
CA ILE A 160 10.24 0.54 -7.57
C ILE A 160 11.03 0.90 -8.84
N CYS A 161 11.79 1.98 -8.80
CA CYS A 161 12.60 2.40 -9.94
C CYS A 161 13.60 1.31 -10.34
N SER A 162 14.25 0.68 -9.36
CA SER A 162 15.23 -0.35 -9.64
C SER A 162 14.56 -1.66 -10.06
N VAL A 163 13.28 -1.80 -9.72
CA VAL A 163 12.51 -2.99 -10.06
C VAL A 163 11.95 -2.90 -11.48
N VAL A 164 11.68 -1.70 -11.97
CA VAL A 164 11.12 -1.54 -13.32
C VAL A 164 12.09 -0.98 -14.35
N PHE A 165 13.05 -0.18 -13.91
CA PHE A 165 14.03 0.43 -14.79
C PHE A 165 15.44 -0.14 -14.62
N GLN A 166 15.55 -1.21 -13.83
CA GLN A 166 16.82 -1.90 -13.53
C GLN A 166 17.79 -1.16 -12.61
N LYS A 167 18.12 0.09 -12.94
CA LYS A 167 19.03 0.88 -12.12
C LYS A 167 18.29 1.94 -11.31
N ARG A 168 18.73 2.14 -10.08
CA ARG A 168 18.14 3.14 -9.20
C ARG A 168 18.66 4.51 -9.63
N PHE A 169 18.02 5.57 -9.15
CA PHE A 169 18.46 6.93 -9.44
C PHE A 169 19.25 7.42 -8.26
N ASP A 170 20.06 8.45 -8.49
CA ASP A 170 20.80 9.05 -7.40
C ASP A 170 19.73 9.96 -6.80
N TYR A 171 19.80 10.21 -5.50
CA TYR A 171 18.79 11.04 -4.84
C TYR A 171 18.77 12.50 -5.31
N LYS A 172 19.88 12.96 -5.89
CA LYS A 172 19.99 14.34 -6.38
C LYS A 172 19.57 14.48 -7.84
N ASP A 173 19.35 13.35 -8.51
CA ASP A 173 18.95 13.33 -9.91
C ASP A 173 17.64 14.10 -10.03
N GLN A 174 17.64 15.14 -10.88
CA GLN A 174 16.47 15.98 -11.08
C GLN A 174 15.28 15.20 -11.63
N ASN A 175 15.55 14.25 -12.52
CA ASN A 175 14.50 13.43 -13.10
C ASN A 175 13.80 12.58 -12.04
N PHE A 176 14.56 12.19 -11.01
CA PHE A 176 14.04 11.41 -9.90
C PHE A 176 13.19 12.32 -9.01
N LEU A 177 13.74 13.50 -8.73
CA LEU A 177 13.08 14.49 -7.89
C LEU A 177 11.71 14.95 -8.42
N THR A 178 11.66 15.34 -9.69
CA THR A 178 10.41 15.79 -10.29
C THR A 178 9.41 14.63 -10.45
N LEU A 179 9.93 13.44 -10.76
CA LEU A 179 9.09 12.25 -10.91
C LEU A 179 8.41 11.95 -9.58
N MET A 180 9.18 12.11 -8.51
CA MET A 180 8.69 11.86 -7.17
C MET A 180 7.73 12.95 -6.71
N LYS A 181 7.99 14.19 -7.08
CA LYS A 181 7.13 15.29 -6.69
C LYS A 181 5.76 15.18 -7.34
N ARG A 182 5.72 14.72 -8.59
CA ARG A 182 4.47 14.56 -9.32
C ARG A 182 3.59 13.49 -8.67
N PHE A 183 4.20 12.37 -8.27
CA PHE A 183 3.45 11.30 -7.62
C PHE A 183 2.97 11.76 -6.24
N ASN A 184 3.75 12.63 -5.63
CA ASN A 184 3.43 13.19 -4.31
C ASN A 184 2.24 14.14 -4.44
N GLU A 185 2.26 15.00 -5.46
CA GLU A 185 1.19 15.97 -5.70
C GLU A 185 -0.12 15.23 -5.96
N ASN A 186 -0.05 14.21 -6.82
CA ASN A 186 -1.22 13.41 -7.15
C ASN A 186 -1.71 12.58 -5.96
N PHE A 187 -0.80 12.15 -5.09
CA PHE A 187 -1.19 11.38 -3.92
C PHE A 187 -2.00 12.28 -2.98
N ARG A 188 -1.51 13.47 -2.71
CA ARG A 188 -2.17 14.42 -1.82
C ARG A 188 -3.58 14.78 -2.31
N ILE A 189 -3.73 15.01 -3.61
CA ILE A 189 -5.03 15.35 -4.16
C ILE A 189 -5.98 14.14 -4.02
N LEU A 190 -5.50 12.94 -4.38
CA LEU A 190 -6.31 11.73 -4.30
C LEU A 190 -6.57 11.24 -2.87
N ASN A 191 -5.88 11.81 -1.90
CA ASN A 191 -6.06 11.42 -0.50
C ASN A 191 -7.04 12.36 0.20
N SER A 192 -7.54 13.33 -0.55
CA SER A 192 -8.49 14.31 -0.03
C SER A 192 -9.90 13.73 0.10
N PRO A 193 -10.64 14.11 1.15
CA PRO A 193 -12.01 13.61 1.33
C PRO A 193 -12.91 14.07 0.16
N TRP A 194 -12.46 15.08 -0.59
CA TRP A 194 -13.19 15.62 -1.73
C TRP A 194 -13.33 14.66 -2.90
N ILE A 195 -12.39 13.73 -3.06
CA ILE A 195 -12.49 12.80 -4.17
C ILE A 195 -13.63 11.79 -3.95
N GLN A 196 -13.98 11.58 -2.69
CA GLN A 196 -15.07 10.66 -2.33
C GLN A 196 -16.38 11.29 -2.82
N VAL A 197 -16.51 12.60 -2.56
CA VAL A 197 -17.69 13.34 -2.97
C VAL A 197 -17.76 13.44 -4.49
N CYS A 198 -16.65 13.75 -5.14
CA CYS A 198 -16.60 13.88 -6.60
C CYS A 198 -16.83 12.60 -7.36
N ASN A 199 -16.40 11.47 -6.79
CA ASN A 199 -16.60 10.19 -7.44
C ASN A 199 -18.06 9.76 -7.45
N ASN A 200 -18.78 10.18 -6.43
CA ASN A 200 -20.19 9.84 -6.32
C ASN A 200 -21.10 10.93 -6.89
N PHE A 201 -20.56 12.13 -7.06
CA PHE A 201 -21.30 13.25 -7.67
C PHE A 201 -20.36 13.81 -8.75
N PRO A 202 -20.20 13.08 -9.88
CA PRO A 202 -19.33 13.45 -11.01
C PRO A 202 -19.38 14.90 -11.52
N LEU A 203 -20.52 15.56 -11.36
CA LEU A 203 -20.69 16.94 -11.80
C LEU A 203 -19.79 17.90 -11.02
N LEU A 204 -19.58 17.60 -9.74
CA LEU A 204 -18.75 18.43 -8.87
C LEU A 204 -17.29 18.47 -9.30
N ILE A 205 -16.88 17.54 -10.18
CA ILE A 205 -15.51 17.52 -10.69
C ILE A 205 -15.26 18.82 -11.47
N ASP A 206 -16.31 19.36 -12.07
CA ASP A 206 -16.22 20.61 -12.83
C ASP A 206 -15.93 21.80 -11.93
N CYS A 207 -16.15 21.63 -10.63
CA CYS A 207 -15.88 22.69 -9.64
C CYS A 207 -14.40 22.72 -9.26
N PHE A 208 -13.63 21.79 -9.78
CA PHE A 208 -12.20 21.72 -9.48
C PHE A 208 -11.32 21.68 -10.75
N PRO A 209 -11.41 22.72 -11.61
CA PRO A 209 -10.63 22.79 -12.85
C PRO A 209 -9.12 22.66 -12.71
N GLY A 210 -8.55 23.44 -11.80
CA GLY A 210 -7.10 23.43 -11.58
C GLY A 210 -6.54 22.10 -11.10
N THR A 211 -7.22 21.50 -10.13
CA THR A 211 -6.83 20.21 -9.56
C THR A 211 -6.96 19.13 -10.63
N HIS A 212 -8.08 19.16 -11.35
CA HIS A 212 -8.35 18.21 -12.43
C HIS A 212 -7.22 18.27 -13.45
N ASN A 213 -6.86 19.48 -13.87
CA ASN A 213 -5.80 19.67 -14.86
C ASN A 213 -4.45 19.25 -14.31
N LYS A 214 -4.16 19.57 -13.05
CA LYS A 214 -2.89 19.21 -12.42
C LYS A 214 -2.70 17.70 -12.46
N VAL A 215 -3.72 16.96 -12.01
CA VAL A 215 -3.69 15.50 -11.99
C VAL A 215 -3.46 14.91 -13.37
N LEU A 216 -4.24 15.38 -14.35
CA LEU A 216 -4.13 14.93 -15.73
C LEU A 216 -2.74 15.19 -16.31
N LYS A 217 -2.21 16.39 -16.06
CA LYS A 217 -0.89 16.79 -16.54
C LYS A 217 0.21 15.87 -16.01
N ASN A 218 0.22 15.64 -14.70
CA ASN A 218 1.22 14.78 -14.09
C ASN A 218 1.13 13.36 -14.63
N VAL A 219 -0.08 12.86 -14.82
CA VAL A 219 -0.27 11.51 -15.36
C VAL A 219 0.23 11.44 -16.79
N ALA A 220 0.02 12.50 -17.56
CA ALA A 220 0.46 12.56 -18.94
C ALA A 220 1.99 12.54 -19.02
N LEU A 221 2.63 13.39 -18.20
CA LEU A 221 4.07 13.48 -18.15
C LEU A 221 4.75 12.19 -17.66
N THR A 222 4.17 11.57 -16.64
CA THR A 222 4.70 10.33 -16.10
C THR A 222 4.57 9.23 -17.16
N ARG A 223 3.46 9.27 -17.91
CA ARG A 223 3.18 8.31 -18.96
C ARG A 223 4.23 8.37 -20.07
N SER A 224 4.53 9.58 -20.54
CA SER A 224 5.52 9.75 -21.60
C SER A 224 6.92 9.39 -21.11
N TYR A 225 7.18 9.60 -19.82
CA TYR A 225 8.49 9.27 -19.24
C TYR A 225 8.69 7.76 -19.26
N ILE A 226 7.66 7.02 -18.84
CA ILE A 226 7.72 5.57 -18.81
C ILE A 226 7.86 5.05 -20.25
N ARG A 227 7.20 5.72 -21.20
CA ARG A 227 7.28 5.35 -22.61
C ARG A 227 8.66 5.61 -23.21
N GLU A 228 9.34 6.64 -22.74
CA GLU A 228 10.69 6.94 -23.23
C GLU A 228 11.66 5.91 -22.68
N LYS A 229 11.38 5.45 -21.45
CA LYS A 229 12.21 4.46 -20.79
C LYS A 229 12.06 3.09 -21.44
N VAL A 230 10.83 2.72 -21.79
CA VAL A 230 10.57 1.43 -22.41
C VAL A 230 11.19 1.34 -23.82
N LYS A 231 11.23 2.47 -24.54
CA LYS A 231 11.82 2.50 -25.88
C LYS A 231 13.32 2.21 -25.76
N GLU A 232 13.92 2.69 -24.67
CA GLU A 232 15.33 2.46 -24.40
C GLU A 232 15.58 0.97 -24.18
N HIS A 233 14.68 0.33 -23.45
CA HIS A 233 14.78 -1.09 -23.17
C HIS A 233 14.64 -1.92 -24.44
N GLN A 234 13.70 -1.52 -25.31
CA GLN A 234 13.46 -2.22 -26.57
C GLN A 234 14.70 -2.27 -27.47
N ALA A 235 15.49 -1.20 -27.45
CA ALA A 235 16.71 -1.11 -28.26
C ALA A 235 17.97 -1.64 -27.56
N SER A 236 17.80 -2.42 -26.50
CA SER A 236 18.93 -2.99 -25.76
C SER A 236 18.53 -4.26 -25.04
N LEU A 237 17.41 -4.85 -25.47
CA LEU A 237 16.90 -6.06 -24.86
C LEU A 237 17.65 -7.35 -25.19
N ASP A 238 18.00 -8.07 -24.13
CA ASP A 238 18.68 -9.36 -24.22
C ASP A 238 17.70 -10.36 -23.63
N VAL A 239 17.03 -11.12 -24.48
CA VAL A 239 16.05 -12.12 -24.05
C VAL A 239 16.59 -13.12 -23.02
N ASN A 240 17.88 -13.43 -23.09
CA ASN A 240 18.48 -14.38 -22.15
C ASN A 240 18.82 -13.74 -20.81
N ASN A 241 19.00 -12.41 -20.81
CA ASN A 241 19.34 -11.71 -19.59
C ASN A 241 18.39 -10.56 -19.23
N PRO A 242 17.20 -10.89 -18.67
CA PRO A 242 16.23 -9.85 -18.29
C PRO A 242 16.83 -9.02 -17.15
N ARG A 243 16.74 -7.71 -17.27
CA ARG A 243 17.28 -6.79 -16.27
C ARG A 243 16.23 -6.33 -15.26
N ASP A 244 14.99 -6.17 -15.73
CA ASP A 244 13.91 -5.66 -14.88
C ASP A 244 12.51 -6.03 -15.35
N PHE A 245 11.52 -5.37 -14.74
CA PHE A 245 10.10 -5.59 -15.03
C PHE A 245 9.76 -5.31 -16.48
N ILE A 246 10.32 -4.23 -17.02
CA ILE A 246 10.08 -3.82 -18.40
C ILE A 246 10.61 -4.84 -19.40
N ASP A 247 11.80 -5.39 -19.14
CA ASP A 247 12.38 -6.40 -20.02
C ASP A 247 11.48 -7.61 -20.06
N CYS A 248 11.03 -8.04 -18.89
CA CYS A 248 10.17 -9.21 -18.77
C CYS A 248 8.86 -9.03 -19.53
N PHE A 249 8.28 -7.83 -19.47
CA PHE A 249 7.02 -7.55 -20.16
C PHE A 249 7.28 -7.55 -21.67
N LEU A 250 8.38 -6.93 -22.08
CA LEU A 250 8.75 -6.87 -23.48
C LEU A 250 9.00 -8.26 -24.08
N ILE A 251 9.53 -9.17 -23.27
CA ILE A 251 9.80 -10.54 -23.70
C ILE A 251 8.47 -11.28 -23.88
N LYS A 252 7.54 -11.06 -22.96
CA LYS A 252 6.22 -11.68 -23.00
C LYS A 252 5.44 -11.18 -24.21
N MET A 253 5.65 -9.90 -24.56
CA MET A 253 4.98 -9.29 -25.71
C MET A 253 5.40 -9.95 -27.02
N GLU A 254 6.66 -10.39 -27.09
CA GLU A 254 7.18 -11.05 -28.28
C GLU A 254 6.52 -12.41 -28.46
N GLN A 255 6.36 -13.14 -27.36
CA GLN A 255 5.74 -14.47 -27.39
C GLN A 255 4.26 -14.41 -27.74
N GLU A 256 3.67 -13.22 -27.65
CA GLU A 256 2.25 -13.02 -27.94
C GLU A 256 2.04 -12.16 -29.19
N LYS A 257 3.12 -11.96 -29.94
CA LYS A 257 3.13 -11.15 -31.16
C LYS A 257 2.09 -11.54 -32.22
N ASP A 258 1.81 -12.83 -32.33
CA ASP A 258 0.85 -13.34 -33.32
C ASP A 258 -0.60 -13.06 -32.97
N ASN A 259 -0.93 -13.17 -31.68
CA ASN A 259 -2.29 -12.93 -31.20
C ASN A 259 -2.55 -11.42 -31.08
N GLN A 260 -3.60 -10.96 -31.75
CA GLN A 260 -3.94 -9.54 -31.73
C GLN A 260 -4.87 -9.14 -30.58
N LYS A 261 -5.44 -10.13 -29.90
CA LYS A 261 -6.32 -9.87 -28.76
C LYS A 261 -5.51 -10.12 -27.49
N SER A 262 -4.24 -9.70 -27.52
CA SER A 262 -3.33 -9.88 -26.39
C SER A 262 -3.28 -8.68 -25.46
N GLU A 263 -3.38 -8.96 -24.17
CA GLU A 263 -3.34 -7.92 -23.13
C GLU A 263 -1.93 -7.35 -22.98
N PHE A 264 -0.94 -8.11 -23.40
CA PHE A 264 0.44 -7.69 -23.29
C PHE A 264 0.84 -6.83 -24.47
N ASN A 265 0.62 -5.53 -24.29
CA ASN A 265 0.92 -4.51 -25.28
C ASN A 265 1.59 -3.34 -24.56
N ILE A 266 2.11 -2.39 -25.33
CA ILE A 266 2.78 -1.23 -24.75
C ILE A 266 1.83 -0.38 -23.89
N GLU A 267 0.54 -0.44 -24.18
CA GLU A 267 -0.45 0.33 -23.44
C GLU A 267 -0.60 -0.16 -21.99
N ASN A 268 -0.74 -1.48 -21.82
CA ASN A 268 -0.86 -2.07 -20.49
C ASN A 268 0.46 -2.07 -19.73
N LEU A 269 1.57 -2.00 -20.45
CA LEU A 269 2.89 -1.99 -19.83
C LEU A 269 3.13 -0.69 -19.09
N VAL A 270 2.80 0.43 -19.75
CA VAL A 270 2.96 1.75 -19.17
C VAL A 270 2.04 1.87 -17.94
N GLY A 271 0.80 1.41 -18.08
CA GLY A 271 -0.16 1.47 -17.00
C GLY A 271 0.24 0.63 -15.80
N THR A 272 0.83 -0.54 -16.06
CA THR A 272 1.26 -1.43 -14.98
C THR A 272 2.44 -0.86 -14.21
N VAL A 273 3.39 -0.26 -14.93
CA VAL A 273 4.56 0.35 -14.30
C VAL A 273 4.07 1.48 -13.41
N ALA A 274 3.21 2.34 -13.95
CA ALA A 274 2.67 3.47 -13.20
C ALA A 274 1.95 2.96 -11.94
N ASP A 275 1.18 1.88 -12.10
CA ASP A 275 0.47 1.28 -10.99
C ASP A 275 1.39 0.79 -9.87
N LEU A 276 2.55 0.25 -10.24
CA LEU A 276 3.49 -0.24 -9.23
C LEU A 276 4.00 0.94 -8.41
N PHE A 277 4.25 2.06 -9.09
CA PHE A 277 4.70 3.28 -8.42
C PHE A 277 3.60 3.82 -7.50
N VAL A 278 2.38 3.85 -8.02
CA VAL A 278 1.25 4.36 -7.27
C VAL A 278 0.94 3.53 -6.03
N ALA A 279 0.84 2.23 -6.21
CA ALA A 279 0.52 1.34 -5.11
C ALA A 279 1.71 0.99 -4.20
N GLY A 280 2.92 1.15 -4.69
CA GLY A 280 4.09 0.79 -3.90
C GLY A 280 4.97 1.86 -3.30
N THR A 281 4.78 3.10 -3.70
CA THR A 281 5.62 4.17 -3.17
C THR A 281 5.10 4.77 -1.87
N GLU A 282 3.96 5.47 -1.95
CA GLU A 282 3.43 6.13 -0.77
C GLU A 282 2.96 5.23 0.36
N THR A 283 2.55 4.01 0.06
CA THR A 283 2.10 3.08 1.11
C THR A 283 3.26 2.61 1.99
N THR A 284 4.37 2.21 1.36
CA THR A 284 5.54 1.74 2.09
C THR A 284 6.17 2.91 2.84
N SER A 285 6.24 4.05 2.16
CA SER A 285 6.80 5.27 2.75
C SER A 285 6.09 5.66 4.05
N THR A 286 4.76 5.62 4.02
CA THR A 286 3.93 5.95 5.19
C THR A 286 4.16 4.97 6.33
N THR A 287 4.24 3.68 6.00
CA THR A 287 4.45 2.65 7.03
C THR A 287 5.85 2.81 7.62
N LEU A 288 6.83 3.17 6.79
CA LEU A 288 8.17 3.42 7.27
C LEU A 288 8.20 4.61 8.24
N ARG A 289 7.46 5.68 7.92
CA ARG A 289 7.40 6.88 8.77
C ARG A 289 6.71 6.55 10.07
N TYR A 290 5.59 5.84 9.95
CA TYR A 290 4.83 5.47 11.14
C TYR A 290 5.67 4.55 12.02
N GLY A 291 6.39 3.62 11.39
CA GLY A 291 7.24 2.69 12.11
C GLY A 291 8.29 3.40 12.95
N LEU A 292 9.02 4.33 12.33
CA LEU A 292 10.04 5.08 13.04
C LEU A 292 9.42 5.91 14.16
N LEU A 293 8.21 6.44 13.93
CA LEU A 293 7.51 7.20 14.97
C LEU A 293 7.22 6.31 16.16
N LEU A 294 6.72 5.10 15.92
CA LEU A 294 6.38 4.17 16.99
C LEU A 294 7.64 3.65 17.68
N LEU A 295 8.74 3.57 16.94
CA LEU A 295 9.99 3.10 17.51
C LEU A 295 10.60 4.22 18.36
N LEU A 296 10.39 5.46 17.92
CA LEU A 296 10.86 6.65 18.62
C LEU A 296 10.14 6.74 19.97
N LYS A 297 8.83 6.54 19.92
CA LYS A 297 7.95 6.60 21.07
C LYS A 297 8.10 5.42 22.03
N HIS A 298 8.58 4.28 21.52
CA HIS A 298 8.75 3.10 22.35
C HIS A 298 10.22 2.66 22.36
N PRO A 299 11.05 3.30 23.21
CA PRO A 299 12.48 3.00 23.33
C PRO A 299 12.78 1.56 23.74
N GLU A 300 11.93 1.00 24.61
CA GLU A 300 12.09 -0.37 25.07
C GLU A 300 11.96 -1.35 23.91
N VAL A 301 11.03 -1.08 22.99
CA VAL A 301 10.82 -1.93 21.84
C VAL A 301 12.02 -1.81 20.89
N THR A 302 12.47 -0.58 20.65
CA THR A 302 13.59 -0.36 19.75
C THR A 302 14.86 -1.06 20.25
N ALA A 303 15.08 -1.00 21.57
CA ALA A 303 16.23 -1.64 22.20
C ALA A 303 16.27 -3.14 21.95
N LYS A 304 15.16 -3.83 22.18
CA LYS A 304 15.10 -5.29 21.97
C LYS A 304 15.35 -5.65 20.51
N VAL A 305 14.87 -4.81 19.59
CA VAL A 305 15.08 -5.05 18.17
C VAL A 305 16.57 -4.94 17.84
N GLN A 306 17.20 -3.86 18.30
CA GLN A 306 18.63 -3.65 18.07
C GLN A 306 19.50 -4.73 18.71
N GLU A 307 18.98 -5.33 19.78
CA GLU A 307 19.67 -6.38 20.49
C GLU A 307 19.59 -7.65 19.65
N GLU A 308 18.40 -7.90 19.10
CA GLU A 308 18.18 -9.06 18.24
C GLU A 308 19.06 -8.89 16.99
N ILE A 309 19.16 -7.66 16.46
CA ILE A 309 20.00 -7.40 15.30
C ILE A 309 21.46 -7.71 15.63
N ASP A 310 21.93 -7.25 16.79
CA ASP A 310 23.31 -7.48 17.20
C ASP A 310 23.64 -8.97 17.28
N HIS A 311 22.71 -9.75 17.84
CA HIS A 311 22.87 -11.18 18.00
C HIS A 311 22.87 -11.99 16.70
N VAL A 312 21.89 -11.74 15.84
CA VAL A 312 21.75 -12.48 14.59
C VAL A 312 22.55 -11.94 13.41
N ILE A 313 22.68 -10.62 13.31
CA ILE A 313 23.37 -10.01 12.18
C ILE A 313 24.75 -9.43 12.50
N GLY A 314 24.90 -8.83 13.67
CA GLY A 314 26.19 -8.25 14.03
C GLY A 314 26.35 -6.82 13.57
N ARG A 315 27.61 -6.37 13.50
CA ARG A 315 27.91 -5.00 13.11
C ARG A 315 28.68 -4.84 11.79
N HIS A 316 29.16 -5.95 11.23
CA HIS A 316 29.93 -5.87 9.98
C HIS A 316 29.19 -6.37 8.73
N ARG A 317 27.94 -6.80 8.91
CA ARG A 317 27.16 -7.31 7.79
C ARG A 317 25.78 -6.66 7.69
N SER A 318 25.38 -6.35 6.45
CA SER A 318 24.07 -5.75 6.17
C SER A 318 23.01 -6.83 6.38
N PRO A 319 21.86 -6.49 6.98
CA PRO A 319 20.83 -7.51 7.18
C PRO A 319 20.23 -8.05 5.87
N CYS A 320 19.60 -9.21 5.95
CA CYS A 320 18.99 -9.84 4.79
C CYS A 320 17.75 -10.58 5.25
N MET A 321 16.92 -11.02 4.31
CA MET A 321 15.67 -11.70 4.63
C MET A 321 15.81 -13.02 5.36
N GLN A 322 16.95 -13.69 5.19
CA GLN A 322 17.20 -14.96 5.86
C GLN A 322 17.20 -14.75 7.37
N ASP A 323 17.70 -13.59 7.79
CA ASP A 323 17.76 -13.23 9.20
C ASP A 323 16.41 -13.13 9.90
N ARG A 324 15.37 -12.78 9.15
CA ARG A 324 14.03 -12.63 9.70
C ARG A 324 13.50 -13.89 10.38
N SER A 325 13.92 -15.04 9.86
CA SER A 325 13.49 -16.32 10.42
C SER A 325 14.07 -16.51 11.83
N HIS A 326 15.17 -15.84 12.13
CA HIS A 326 15.82 -15.94 13.43
C HIS A 326 15.58 -14.73 14.31
N MET A 327 14.72 -13.82 13.84
CA MET A 327 14.41 -12.60 14.57
C MET A 327 12.90 -12.48 14.82
N PRO A 328 12.34 -13.36 15.67
CA PRO A 328 10.90 -13.32 15.98
C PRO A 328 10.37 -12.01 16.56
N TYR A 329 11.17 -11.36 17.39
CA TYR A 329 10.74 -10.11 18.01
C TYR A 329 10.60 -9.00 16.97
N THR A 330 11.60 -8.87 16.09
CA THR A 330 11.58 -7.84 15.06
C THR A 330 10.41 -8.10 14.10
N ASP A 331 10.16 -9.37 13.80
CA ASP A 331 9.08 -9.76 12.92
C ASP A 331 7.77 -9.33 13.57
N ALA A 332 7.67 -9.59 14.87
CA ALA A 332 6.49 -9.21 15.64
C ALA A 332 6.30 -7.69 15.63
N VAL A 333 7.42 -6.96 15.71
CA VAL A 333 7.41 -5.49 15.71
C VAL A 333 6.93 -4.96 14.37
N VAL A 334 7.46 -5.51 13.27
CA VAL A 334 7.06 -5.09 11.93
C VAL A 334 5.56 -5.38 11.73
N HIS A 335 5.10 -6.55 12.19
CA HIS A 335 3.68 -6.90 12.07
C HIS A 335 2.81 -5.94 12.89
N GLU A 336 3.29 -5.62 14.09
CA GLU A 336 2.56 -4.72 14.97
C GLU A 336 2.53 -3.29 14.42
N ILE A 337 3.58 -2.92 13.68
CA ILE A 337 3.62 -1.59 13.09
C ILE A 337 2.53 -1.51 12.03
N GLN A 338 2.37 -2.57 11.23
CA GLN A 338 1.33 -2.59 10.19
C GLN A 338 -0.09 -2.70 10.76
N ARG A 339 -0.26 -3.49 11.81
CA ARG A 339 -1.56 -3.66 12.43
C ARG A 339 -2.02 -2.35 13.09
N TYR A 340 -1.12 -1.72 13.85
CA TYR A 340 -1.42 -0.48 14.54
C TYR A 340 -1.58 0.71 13.59
N SER A 341 -0.65 0.86 12.65
CA SER A 341 -0.67 1.96 11.71
C SER A 341 -1.93 1.97 10.83
N ASP A 342 -2.47 0.78 10.55
CA ASP A 342 -3.73 0.63 9.82
C ASP A 342 -3.83 1.57 8.62
N LEU A 343 -2.91 1.38 7.68
CA LEU A 343 -2.76 2.19 6.47
C LEU A 343 -4.00 2.42 5.59
N VAL A 344 -4.70 1.34 5.25
CA VAL A 344 -5.89 1.39 4.40
C VAL A 344 -7.04 0.81 5.24
N PRO A 345 -7.63 1.62 6.14
CA PRO A 345 -8.72 1.18 7.01
C PRO A 345 -9.98 0.65 6.30
N THR A 346 -10.32 1.25 5.17
CA THR A 346 -11.51 0.84 4.41
C THR A 346 -11.15 -0.21 3.37
N GLY A 347 -9.85 -0.41 3.18
CA GLY A 347 -9.38 -1.34 2.17
C GLY A 347 -9.60 -0.62 0.85
N VAL A 348 -9.29 -1.25 -0.26
CA VAL A 348 -9.51 -0.64 -1.56
C VAL A 348 -10.83 -1.22 -2.03
N PRO A 349 -11.74 -0.38 -2.54
CA PRO A 349 -13.05 -0.87 -3.00
C PRO A 349 -13.06 -2.01 -4.01
N HIS A 350 -13.94 -2.95 -3.74
CA HIS A 350 -14.14 -4.10 -4.60
C HIS A 350 -15.50 -3.92 -5.26
N ALA A 351 -15.88 -4.91 -6.07
CA ALA A 351 -17.16 -4.94 -6.78
C ALA A 351 -17.43 -6.40 -7.11
N VAL A 352 -18.64 -6.89 -6.82
CA VAL A 352 -18.95 -8.28 -7.13
C VAL A 352 -19.01 -8.45 -8.66
N THR A 353 -18.45 -9.55 -9.14
CA THR A 353 -18.37 -9.86 -10.56
C THR A 353 -19.66 -10.33 -11.22
N THR A 354 -20.61 -10.77 -10.39
CA THR A 354 -21.90 -11.27 -10.87
C THR A 354 -22.89 -11.18 -9.71
N ASP A 355 -24.14 -11.55 -9.94
CA ASP A 355 -25.15 -11.53 -8.87
C ASP A 355 -24.63 -12.53 -7.84
N THR A 356 -24.37 -12.03 -6.64
CA THR A 356 -23.82 -12.85 -5.57
C THR A 356 -24.73 -13.00 -4.37
N LYS A 357 -24.85 -14.23 -3.89
CA LYS A 357 -25.65 -14.56 -2.73
C LYS A 357 -24.70 -14.57 -1.52
N PHE A 358 -25.02 -13.74 -0.52
CA PHE A 358 -24.21 -13.66 0.69
C PHE A 358 -25.18 -13.84 1.83
N ARG A 359 -25.08 -14.97 2.52
CA ARG A 359 -25.97 -15.32 3.62
C ARG A 359 -27.41 -15.25 3.09
N ASN A 360 -28.26 -14.44 3.70
CA ASN A 360 -29.65 -14.33 3.25
C ASN A 360 -29.87 -13.10 2.36
N TYR A 361 -28.79 -12.58 1.77
CA TYR A 361 -28.87 -11.40 0.92
C TYR A 361 -28.43 -11.67 -0.50
N LEU A 362 -28.81 -10.77 -1.41
CA LEU A 362 -28.45 -10.87 -2.80
C LEU A 362 -27.82 -9.54 -3.20
N ILE A 363 -26.62 -9.61 -3.74
CA ILE A 363 -25.88 -8.41 -4.15
C ILE A 363 -25.75 -8.45 -5.66
N PRO A 364 -26.41 -7.51 -6.36
CA PRO A 364 -26.33 -7.49 -7.83
C PRO A 364 -24.95 -7.22 -8.39
N LYS A 365 -24.71 -7.72 -9.60
CA LYS A 365 -23.46 -7.57 -10.31
C LYS A 365 -23.01 -6.11 -10.40
N GLY A 366 -21.73 -5.86 -10.12
CA GLY A 366 -21.18 -4.52 -10.19
C GLY A 366 -21.32 -3.63 -8.97
N THR A 367 -22.04 -4.11 -7.94
CA THR A 367 -22.22 -3.35 -6.71
C THR A 367 -20.85 -3.18 -6.01
N THR A 368 -20.60 -1.98 -5.48
CA THR A 368 -19.35 -1.70 -4.79
C THR A 368 -19.32 -2.38 -3.42
N ILE A 369 -18.19 -3.01 -3.12
CA ILE A 369 -17.94 -3.73 -1.88
C ILE A 369 -16.86 -3.02 -1.06
N MET A 370 -17.05 -2.95 0.24
CA MET A 370 -16.08 -2.32 1.12
C MET A 370 -15.82 -3.29 2.28
N ALA A 371 -14.66 -3.94 2.29
CA ALA A 371 -14.29 -4.85 3.38
C ALA A 371 -13.42 -4.06 4.33
N LEU A 372 -13.95 -3.76 5.51
CA LEU A 372 -13.24 -2.95 6.49
C LEU A 372 -12.06 -3.67 7.16
N LEU A 373 -10.89 -3.51 6.56
CA LEU A 373 -9.66 -4.12 7.04
C LEU A 373 -9.37 -3.70 8.47
N THR A 374 -9.66 -2.44 8.78
CA THR A 374 -9.44 -1.91 10.11
C THR A 374 -10.22 -2.63 11.21
N SER A 375 -11.39 -3.16 10.88
CA SER A 375 -12.22 -3.87 11.85
C SER A 375 -11.64 -5.24 12.19
N VAL A 376 -10.76 -5.74 11.32
CA VAL A 376 -10.12 -7.03 11.51
C VAL A 376 -8.81 -6.76 12.29
N LEU A 377 -8.06 -5.78 11.83
CA LEU A 377 -6.80 -5.38 12.44
C LEU A 377 -6.97 -4.96 13.90
N HIS A 378 -8.17 -4.50 14.26
CA HIS A 378 -8.45 -4.07 15.62
C HIS A 378 -9.43 -4.93 16.38
N ASP A 379 -9.60 -6.17 15.96
CA ASP A 379 -10.50 -7.09 16.65
C ASP A 379 -10.01 -7.16 18.09
N ASP A 380 -10.88 -6.79 19.03
CA ASP A 380 -10.50 -6.74 20.43
C ASP A 380 -10.30 -8.08 21.14
N LYS A 381 -10.63 -9.18 20.48
CA LYS A 381 -10.46 -10.50 21.06
C LYS A 381 -9.14 -11.11 20.57
N GLU A 382 -8.87 -10.99 19.27
CA GLU A 382 -7.64 -11.50 18.68
C GLU A 382 -6.44 -10.68 19.16
N PHE A 383 -6.68 -9.40 19.43
CA PHE A 383 -5.65 -8.49 19.91
C PHE A 383 -6.17 -7.68 21.10
N PRO A 384 -6.10 -8.25 22.33
CA PRO A 384 -6.60 -7.49 23.49
C PRO A 384 -5.93 -6.12 23.53
N ASN A 385 -6.70 -5.08 23.85
CA ASN A 385 -6.21 -3.69 23.87
C ASN A 385 -5.65 -3.40 22.47
N PRO A 386 -6.51 -3.42 21.43
CA PRO A 386 -6.08 -3.16 20.06
C PRO A 386 -5.60 -1.75 19.71
N ASN A 387 -5.87 -0.78 20.58
CA ASN A 387 -5.45 0.58 20.32
C ASN A 387 -4.10 0.92 20.94
N ILE A 388 -3.46 -0.10 21.50
CA ILE A 388 -2.15 0.03 22.12
C ILE A 388 -1.15 -0.66 21.21
N PHE A 389 -0.01 -0.01 20.96
CA PHE A 389 1.04 -0.58 20.13
C PHE A 389 1.78 -1.56 21.07
N ASP A 390 1.74 -2.85 20.74
CA ASP A 390 2.38 -3.88 21.55
C ASP A 390 2.80 -5.07 20.72
N PRO A 391 4.13 -5.25 20.50
CA PRO A 391 4.66 -6.37 19.70
C PRO A 391 4.18 -7.73 20.23
N GLY A 392 3.76 -7.78 21.49
CA GLY A 392 3.25 -9.01 22.09
C GLY A 392 2.04 -9.58 21.37
N HIS A 393 1.35 -8.75 20.60
CA HIS A 393 0.18 -9.18 19.83
C HIS A 393 0.56 -10.23 18.78
N PHE A 394 1.85 -10.32 18.47
CA PHE A 394 2.36 -11.27 17.48
C PHE A 394 3.50 -12.13 18.06
N LEU A 395 3.39 -12.42 19.35
CA LEU A 395 4.40 -13.19 20.06
C LEU A 395 3.71 -14.18 21.00
N ASP A 396 4.22 -15.40 21.09
CA ASP A 396 3.62 -16.36 22.02
C ASP A 396 4.34 -16.30 23.37
N LYS A 397 3.92 -17.15 24.30
CA LYS A 397 4.44 -17.23 25.66
C LYS A 397 5.95 -17.46 25.79
N ASN A 398 6.57 -18.01 24.76
CA ASN A 398 8.00 -18.30 24.76
C ASN A 398 8.79 -17.30 23.89
N GLY A 399 8.13 -16.22 23.47
CA GLY A 399 8.81 -15.21 22.67
C GLY A 399 8.95 -15.55 21.19
N ASN A 400 8.22 -16.58 20.75
CA ASN A 400 8.27 -16.97 19.35
C ASN A 400 7.18 -16.24 18.58
N PHE A 401 7.42 -16.01 17.30
CA PHE A 401 6.45 -15.32 16.46
C PHE A 401 5.15 -16.12 16.34
N LYS A 402 4.05 -15.44 16.62
CA LYS A 402 2.72 -16.03 16.54
C LYS A 402 1.96 -15.36 15.39
N LYS A 403 1.66 -16.16 14.37
CA LYS A 403 0.94 -15.67 13.19
C LYS A 403 -0.55 -15.48 13.50
N SER A 404 -1.18 -14.56 12.78
CA SER A 404 -2.59 -14.28 12.97
C SER A 404 -3.39 -14.24 11.66
N ASP A 405 -4.54 -14.89 11.68
CA ASP A 405 -5.43 -14.90 10.53
C ASP A 405 -6.04 -13.49 10.34
N TYR A 406 -6.00 -12.69 11.42
CA TYR A 406 -6.55 -11.32 11.40
C TYR A 406 -5.56 -10.28 10.91
N PHE A 407 -4.39 -10.73 10.46
CA PHE A 407 -3.39 -9.82 9.95
C PHE A 407 -3.74 -9.60 8.48
N MET A 408 -4.56 -8.60 8.22
CA MET A 408 -4.97 -8.26 6.86
C MET A 408 -4.63 -6.84 6.37
N PRO A 409 -3.43 -6.31 6.70
CA PRO A 409 -3.14 -4.95 6.21
C PRO A 409 -2.99 -4.88 4.69
N PHE A 410 -2.76 -6.03 4.06
CA PHE A 410 -2.59 -6.16 2.61
C PHE A 410 -3.87 -6.67 1.96
N SER A 411 -4.94 -6.75 2.77
CA SER A 411 -6.24 -7.27 2.37
C SER A 411 -6.12 -8.80 2.31
N ALA A 412 -7.08 -9.46 1.68
CA ALA A 412 -7.09 -10.91 1.60
C ALA A 412 -7.86 -11.37 0.37
N GLY A 413 -7.80 -12.67 0.10
CA GLY A 413 -8.51 -13.21 -1.03
C GLY A 413 -7.72 -13.14 -2.32
N LYS A 414 -8.43 -13.21 -3.43
CA LYS A 414 -7.85 -13.19 -4.77
C LYS A 414 -7.25 -11.87 -5.20
N ARG A 415 -7.56 -10.79 -4.49
CA ARG A 415 -7.04 -9.49 -4.87
C ARG A 415 -6.04 -8.88 -3.87
N ILE A 416 -5.54 -9.70 -2.95
CA ILE A 416 -4.55 -9.27 -1.94
C ILE A 416 -3.38 -8.54 -2.62
N CYS A 417 -2.78 -7.56 -1.93
CA CYS A 417 -1.64 -6.79 -2.45
C CYS A 417 -0.72 -7.61 -3.37
N ALA A 418 -0.54 -7.13 -4.59
CA ALA A 418 0.31 -7.78 -5.59
C ALA A 418 1.80 -7.57 -5.31
N GLY A 419 2.13 -6.77 -4.30
CA GLY A 419 3.52 -6.55 -3.98
C GLY A 419 3.77 -6.74 -2.51
N GLU A 420 3.00 -7.62 -1.89
CA GLU A 420 3.10 -7.89 -0.46
C GLU A 420 4.49 -8.37 -0.01
N GLY A 421 5.09 -9.28 -0.79
CA GLY A 421 6.40 -9.81 -0.45
C GLY A 421 7.44 -8.69 -0.48
N LEU A 422 7.38 -7.86 -1.50
CA LEU A 422 8.31 -6.75 -1.63
C LEU A 422 8.10 -5.73 -0.48
N ALA A 423 6.84 -5.48 -0.13
CA ALA A 423 6.49 -4.54 0.92
C ALA A 423 7.08 -4.98 2.26
N ARG A 424 6.83 -6.23 2.62
CA ARG A 424 7.33 -6.81 3.87
C ARG A 424 8.85 -6.86 3.91
N MET A 425 9.46 -7.00 2.73
CA MET A 425 10.91 -7.06 2.58
C MET A 425 11.50 -5.66 2.80
N GLU A 426 10.86 -4.66 2.21
CA GLU A 426 11.30 -3.28 2.36
C GLU A 426 11.20 -2.84 3.80
N LEU A 427 10.12 -3.25 4.48
CA LEU A 427 9.94 -2.87 5.87
C LEU A 427 10.98 -3.51 6.77
N PHE A 428 11.16 -4.83 6.63
CA PHE A 428 12.13 -5.53 7.46
C PHE A 428 13.53 -5.02 7.25
N LEU A 429 13.95 -4.92 6.00
CA LEU A 429 15.28 -4.44 5.66
C LEU A 429 15.55 -2.98 5.95
N PHE A 430 14.61 -2.07 5.62
CA PHE A 430 14.88 -0.66 5.91
C PHE A 430 14.93 -0.40 7.41
N LEU A 431 14.02 -1.01 8.16
CA LEU A 431 13.99 -0.79 9.60
C LEU A 431 15.20 -1.41 10.32
N THR A 432 15.61 -2.62 9.92
CA THR A 432 16.75 -3.27 10.57
C THR A 432 18.07 -2.58 10.22
N THR A 433 18.21 -2.17 8.97
CA THR A 433 19.43 -1.50 8.53
C THR A 433 19.55 -0.12 9.18
N ILE A 434 18.42 0.57 9.34
CA ILE A 434 18.44 1.88 10.00
C ILE A 434 18.84 1.69 11.46
N LEU A 435 18.15 0.79 12.17
CA LEU A 435 18.41 0.55 13.59
C LEU A 435 19.76 -0.09 13.90
N GLN A 436 20.41 -0.65 12.88
CA GLN A 436 21.72 -1.26 13.04
C GLN A 436 22.77 -0.15 13.09
N ASN A 437 22.47 0.95 12.39
CA ASN A 437 23.38 2.08 12.29
C ASN A 437 23.01 3.34 13.09
N PHE A 438 21.78 3.41 13.60
CA PHE A 438 21.33 4.58 14.32
C PHE A 438 20.47 4.28 15.54
N ASN A 439 20.46 5.25 16.45
CA ASN A 439 19.59 5.20 17.63
C ASN A 439 18.63 6.33 17.29
N LEU A 440 17.44 6.31 17.87
CA LEU A 440 16.43 7.33 17.58
C LEU A 440 16.22 8.28 18.74
N LYS A 441 16.49 9.55 18.50
CA LYS A 441 16.34 10.58 19.53
C LYS A 441 15.24 11.58 19.21
N SER A 442 14.43 11.89 20.23
CA SER A 442 13.36 12.85 20.10
C SER A 442 13.88 14.22 20.48
N VAL A 443 13.32 15.26 19.86
CA VAL A 443 13.74 16.63 20.16
C VAL A 443 13.19 17.00 21.55
N ASP A 444 11.87 16.86 21.70
CA ASP A 444 11.19 17.16 22.95
C ASP A 444 11.04 15.90 23.80
N ASP A 445 10.21 15.98 24.83
CA ASP A 445 9.95 14.86 25.73
C ASP A 445 9.07 13.84 25.00
N LEU A 446 9.31 12.56 25.24
CA LEU A 446 8.55 11.49 24.59
C LEU A 446 7.07 11.48 24.96
N LYS A 447 6.73 12.04 26.11
CA LYS A 447 5.35 12.10 26.59
C LYS A 447 4.47 13.00 25.71
N ASN A 448 5.08 14.01 25.11
CA ASN A 448 4.38 14.95 24.25
C ASN A 448 4.12 14.41 22.85
N LEU A 449 4.80 13.31 22.51
CA LEU A 449 4.70 12.68 21.20
C LEU A 449 3.44 11.83 21.04
N ASN A 450 2.51 12.29 20.21
CA ASN A 450 1.27 11.54 19.97
C ASN A 450 1.43 10.67 18.73
N THR A 451 0.89 9.45 18.78
CA THR A 451 1.00 8.53 17.65
C THR A 451 -0.31 8.20 16.95
N THR A 452 -1.43 8.73 17.43
CA THR A 452 -2.72 8.48 16.81
C THR A 452 -2.74 9.10 15.41
N ALA A 453 -3.30 8.37 14.44
CA ALA A 453 -3.39 8.83 13.06
C ALA A 453 -4.16 10.15 13.02
N VAL A 454 -3.58 11.14 12.34
CA VAL A 454 -4.20 12.46 12.24
C VAL A 454 -5.27 12.55 11.16
N THR A 455 -5.00 11.93 10.02
CA THR A 455 -5.91 11.99 8.90
C THR A 455 -6.29 10.58 8.48
N LYS A 456 -7.53 10.41 8.03
CA LYS A 456 -8.04 9.12 7.57
C LYS A 456 -8.93 9.27 6.34
N GLY A 457 -8.31 9.43 5.18
CA GLY A 457 -9.06 9.57 3.95
C GLY A 457 -8.44 8.75 2.85
N ILE A 458 -8.68 7.45 2.86
CA ILE A 458 -8.14 6.47 1.91
C ILE A 458 -6.83 5.89 2.47
N VAL A 459 -5.96 6.77 2.97
CA VAL A 459 -4.70 6.36 3.57
C VAL A 459 -4.50 7.12 4.87
N SER A 460 -4.43 6.38 5.98
CA SER A 460 -4.21 6.99 7.28
C SER A 460 -2.75 7.44 7.34
N LEU A 461 -2.51 8.63 7.85
CA LEU A 461 -1.16 9.17 7.94
C LEU A 461 -0.76 9.45 9.38
N PRO A 462 0.52 9.21 9.74
CA PRO A 462 0.91 9.48 11.12
C PRO A 462 1.06 10.98 11.31
N PRO A 463 1.06 11.46 12.57
CA PRO A 463 1.21 12.91 12.77
C PRO A 463 2.62 13.30 12.34
N SER A 464 2.80 14.57 12.06
CA SER A 464 4.10 15.10 11.66
C SER A 464 5.03 15.06 12.87
N TYR A 465 6.30 14.76 12.65
CA TYR A 465 7.25 14.71 13.75
C TYR A 465 8.67 14.91 13.27
N GLN A 466 9.55 15.25 14.21
CA GLN A 466 10.95 15.44 13.91
C GLN A 466 11.69 14.35 14.68
N ILE A 467 12.85 13.96 14.18
CA ILE A 467 13.62 12.90 14.81
C ILE A 467 15.12 13.10 14.53
N CYS A 468 15.96 12.60 15.44
CA CYS A 468 17.40 12.69 15.29
C CYS A 468 17.97 11.29 15.12
N PHE A 469 18.72 11.09 14.04
CA PHE A 469 19.34 9.80 13.76
C PHE A 469 20.79 9.87 14.28
N ILE A 470 21.01 9.31 15.46
CA ILE A 470 22.31 9.31 16.10
C ILE A 470 23.10 8.04 15.80
N PRO A 471 24.19 8.15 15.02
CA PRO A 471 25.01 6.98 14.68
C PRO A 471 25.48 6.20 15.89
N VAL A 472 25.28 4.88 15.87
CA VAL A 472 25.67 4.02 17.00
C VAL A 472 27.18 3.99 17.20
#